data_2R5S
#
_entry.id   2R5S
#
_cell.length_a   53.001
_cell.length_b   116.476
_cell.length_c   62.224
_cell.angle_alpha   90.00
_cell.angle_beta   88.75
_cell.angle_gamma   90.00
#
_symmetry.space_group_name_H-M   'C 1 2 1'
#
loop_
_entity.id
_entity.type
_entity.pdbx_description
1 polymer 'Uncharacterized protein VP0806'
2 non-polymer '2-(N-MORPHOLINO)-ETHANESULFONIC ACID'
3 non-polymer 1,2-ETHANEDIOL
4 non-polymer 'ACETATE ION'
5 water water
#
_entity_poly.entity_id   1
_entity_poly.type   'polypeptide(L)'
_entity_poly.pdbx_seq_one_letter_code
;SNASPDEQLLKQVSELLQQGEHAQALNVIQTLSDELQSRGDVKLAKADCLLETKQFELAQELLATIPLEYQDNSYKSLIA
KLELHQQAAESPELKRLEQELAANPDNFELACELAVQYNQVGRDEEALELLWNILKVNLGAQDGEVKKTF(MSE)DILSA
LGQGNAIASKYRRQLYSILY
;
_entity_poly.pdbx_strand_id   A,B
#
# COMPACT_ATOMS: atom_id res chain seq x y z
N ASP A 6 16.98 18.14 -10.16
CA ASP A 6 16.75 18.82 -8.84
C ASP A 6 15.90 20.09 -9.03
N GLU A 7 16.29 20.90 -10.00
CA GLU A 7 15.67 22.20 -10.33
C GLU A 7 14.13 22.26 -10.45
N GLN A 8 13.59 21.28 -11.19
CA GLN A 8 12.17 21.09 -11.47
C GLN A 8 11.48 20.35 -10.34
N LEU A 9 12.11 19.24 -9.92
CA LEU A 9 11.73 18.52 -8.69
C LEU A 9 11.38 19.49 -7.58
N LEU A 10 12.24 20.48 -7.37
CA LEU A 10 12.02 21.51 -6.35
C LEU A 10 10.74 22.28 -6.59
N LYS A 11 10.34 22.48 -7.84
CA LYS A 11 9.04 23.12 -8.14
C LYS A 11 7.88 22.15 -8.02
N GLN A 12 8.17 20.87 -8.26
CA GLN A 12 7.24 19.79 -7.89
C GLN A 12 6.93 19.84 -6.40
N VAL A 13 7.97 19.84 -5.53
CA VAL A 13 7.74 19.99 -4.07
C VAL A 13 6.89 21.22 -3.78
N SER A 14 7.35 22.34 -4.31
CA SER A 14 6.67 23.62 -4.17
C SER A 14 5.20 23.52 -4.58
N GLU A 15 4.94 23.01 -5.77
CA GLU A 15 3.60 22.76 -6.26
C GLU A 15 2.77 21.85 -5.34
N LEU A 16 3.39 20.76 -4.88
CA LEU A 16 2.73 19.78 -4.02
C LEU A 16 2.37 20.32 -2.63
N LEU A 17 3.24 21.13 -2.02
CA LEU A 17 2.94 21.80 -0.75
C LEU A 17 1.78 22.83 -0.90
N GLN A 18 1.84 23.63 -1.94
CA GLN A 18 0.75 24.57 -2.22
C GLN A 18 -0.60 23.84 -2.09
N GLN A 19 -0.64 22.58 -2.55
CA GLN A 19 -1.89 21.85 -2.74
C GLN A 19 -2.28 20.98 -1.55
N GLY A 20 -1.47 21.05 -0.49
CA GLY A 20 -1.61 20.16 0.65
C GLY A 20 -1.27 18.70 0.43
N GLU A 21 -0.43 18.37 -0.53
CA GLU A 21 -0.03 16.98 -0.75
C GLU A 21 1.27 16.64 -0.01
N HIS A 22 1.25 16.71 1.31
CA HIS A 22 2.49 16.53 2.07
C HIS A 22 3.17 15.20 1.75
N ALA A 23 2.38 14.15 1.54
CA ALA A 23 2.97 12.84 1.48
C ALA A 23 3.64 12.66 0.14
N GLN A 24 3.01 13.14 -0.95
CA GLN A 24 3.72 13.23 -2.26
C GLN A 24 4.97 14.12 -2.21
N ALA A 25 4.82 15.31 -1.62
CA ALA A 25 5.93 16.21 -1.38
C ALA A 25 7.12 15.56 -0.64
N LEU A 26 6.85 14.76 0.38
CA LEU A 26 7.92 14.03 1.14
C LEU A 26 8.56 12.95 0.30
N ASN A 27 7.74 12.35 -0.54
CA ASN A 27 8.26 11.43 -1.52
C ASN A 27 9.20 12.06 -2.56
N VAL A 28 8.86 13.25 -3.07
CA VAL A 28 9.75 13.90 -4.04
C VAL A 28 11.05 14.38 -3.37
N ILE A 29 10.92 14.85 -2.13
CA ILE A 29 12.06 15.26 -1.31
C ILE A 29 13.05 14.15 -1.18
N GLN A 30 12.57 12.95 -0.84
CA GLN A 30 13.54 11.90 -0.55
C GLN A 30 14.20 11.49 -1.87
N THR A 31 13.71 11.98 -3.00
CA THR A 31 14.38 11.68 -4.26
C THR A 31 15.44 12.71 -4.67
N LEU A 32 15.50 13.88 -4.03
CA LEU A 32 16.57 14.86 -4.33
C LEU A 32 17.95 14.32 -3.90
N SER A 33 19.01 14.95 -4.40
CA SER A 33 20.36 14.68 -3.90
C SER A 33 20.40 14.82 -2.36
N ASP A 34 21.39 14.20 -1.69
CA ASP A 34 21.50 14.35 -0.24
C ASP A 34 21.88 15.77 0.10
N GLU A 35 22.87 16.29 -0.62
CA GLU A 35 23.19 17.71 -0.56
C GLU A 35 21.89 18.59 -0.55
N LEU A 36 21.01 18.43 -1.55
CA LEU A 36 19.84 19.32 -1.64
C LEU A 36 18.85 18.99 -0.55
N GLN A 37 18.73 17.71 -0.22
CA GLN A 37 17.99 17.32 0.99
C GLN A 37 18.37 18.07 2.26
N SER A 38 19.62 18.41 2.41
CA SER A 38 20.05 19.01 3.65
C SER A 38 20.07 20.53 3.56
N ARG A 39 19.66 21.09 2.42
CA ARG A 39 19.56 22.55 2.31
C ARG A 39 18.54 22.99 3.36
N GLY A 40 18.81 24.07 4.06
CA GLY A 40 18.00 24.39 5.22
C GLY A 40 16.55 24.72 4.81
N ASP A 41 16.29 25.13 3.57
CA ASP A 41 14.88 25.50 3.19
C ASP A 41 14.13 24.20 2.87
N VAL A 42 14.85 23.16 2.42
CA VAL A 42 14.23 21.89 2.07
C VAL A 42 13.88 21.17 3.34
N LYS A 43 14.77 21.22 4.33
CA LYS A 43 14.44 20.82 5.70
C LYS A 43 13.22 21.42 6.29
N LEU A 44 13.04 22.72 6.19
CA LEU A 44 11.80 23.28 6.70
C LEU A 44 10.60 22.64 6.00
N ALA A 45 10.52 22.74 4.69
CA ALA A 45 9.54 21.98 3.84
C ALA A 45 9.25 20.56 4.38
N LYS A 46 10.30 19.79 4.59
CA LYS A 46 10.18 18.38 4.99
C LYS A 46 9.58 18.33 6.41
N ALA A 47 10.02 19.24 7.29
CA ALA A 47 9.48 19.37 8.65
C ALA A 47 8.00 19.66 8.62
N ASP A 48 7.58 20.61 7.80
CA ASP A 48 6.16 20.95 7.67
C ASP A 48 5.42 19.71 7.18
N CYS A 49 6.03 18.90 6.32
CA CYS A 49 5.34 17.75 5.78
C CYS A 49 5.16 16.67 6.87
N LEU A 50 6.18 16.50 7.68
CA LEU A 50 6.13 15.46 8.69
C LEU A 50 4.98 15.79 9.69
N LEU A 51 4.94 17.05 10.06
CA LEU A 51 4.00 17.49 11.01
C LEU A 51 2.58 17.43 10.46
N GLU A 52 2.37 17.75 9.18
CA GLU A 52 1.03 17.71 8.63
C GLU A 52 0.57 16.27 8.49
N THR A 53 1.54 15.35 8.49
CA THR A 53 1.24 13.92 8.36
C THR A 53 1.33 13.20 9.69
N LYS A 54 1.54 13.99 10.75
CA LYS A 54 1.37 13.57 12.12
C LYS A 54 2.49 12.68 12.59
N GLN A 55 3.65 12.91 12.00
CA GLN A 55 4.87 12.19 12.36
C GLN A 55 5.69 13.14 13.20
N PHE A 56 5.29 13.37 14.45
CA PHE A 56 5.78 14.49 15.32
C PHE A 56 7.20 14.26 15.82
N GLU A 57 7.52 13.01 16.05
CA GLU A 57 8.86 12.61 16.44
C GLU A 57 9.93 12.80 15.36
N LEU A 58 9.71 12.20 14.21
CA LEU A 58 10.48 12.60 13.02
C LEU A 58 10.50 14.15 12.84
N ALA A 59 9.37 14.86 12.96
CA ALA A 59 9.41 16.35 12.79
C ALA A 59 10.36 17.02 13.81
N GLN A 60 10.30 16.62 15.07
CA GLN A 60 11.06 17.29 16.11
C GLN A 60 12.57 17.06 15.92
N GLU A 61 12.92 15.85 15.52
CA GLU A 61 14.29 15.48 15.39
C GLU A 61 14.86 16.18 14.12
N LEU A 62 14.07 16.26 13.06
CA LEU A 62 14.48 17.13 11.93
C LEU A 62 14.61 18.59 12.33
N LEU A 63 13.58 19.15 12.92
CA LEU A 63 13.70 20.56 13.40
C LEU A 63 14.89 20.90 14.25
N ALA A 64 15.46 19.92 14.94
CA ALA A 64 16.61 20.12 15.85
C ALA A 64 17.93 20.29 15.11
N THR A 65 17.93 20.02 13.80
CA THR A 65 19.10 20.22 12.96
C THR A 65 18.98 21.50 12.06
N ILE A 66 17.99 22.35 12.31
CA ILE A 66 17.86 23.51 11.42
C ILE A 66 18.89 24.45 12.00
N PRO A 67 19.86 24.97 11.17
CA PRO A 67 20.91 25.89 11.66
C PRO A 67 20.32 27.27 11.89
N LEU A 68 21.07 28.11 12.56
CA LEU A 68 20.54 29.40 13.00
C LEU A 68 20.04 30.35 11.89
N GLU A 69 20.86 30.49 10.84
CA GLU A 69 20.54 31.30 9.67
C GLU A 69 19.23 30.93 8.99
N TYR A 70 18.66 29.76 9.35
CA TYR A 70 17.35 29.33 8.84
C TYR A 70 16.20 29.33 9.82
N GLN A 71 16.50 29.69 11.07
CA GLN A 71 15.53 29.80 12.17
C GLN A 71 14.61 30.96 11.96
N ASP A 72 13.86 30.71 10.93
CA ASP A 72 12.89 31.52 10.26
C ASP A 72 11.63 31.76 11.02
N ASN A 73 10.82 32.62 10.43
CA ASN A 73 9.45 32.79 10.83
CA ASN A 73 9.44 32.81 10.79
C ASN A 73 8.70 31.47 10.67
N SER A 74 8.99 30.76 9.60
CA SER A 74 8.26 29.55 9.37
C SER A 74 8.77 28.49 10.36
N TYR A 75 10.05 28.43 10.62
CA TYR A 75 10.65 27.50 11.59
C TYR A 75 10.03 27.76 12.97
N LYS A 76 10.02 29.03 13.42
CA LYS A 76 9.34 29.40 14.69
C LYS A 76 7.93 28.86 14.80
N SER A 77 7.09 29.17 13.84
CA SER A 77 5.74 28.70 13.88
C SER A 77 5.70 27.14 13.96
N LEU A 78 6.67 26.45 13.36
CA LEU A 78 6.69 24.99 13.35
C LEU A 78 7.10 24.41 14.72
N ILE A 79 8.08 25.05 15.36
CA ILE A 79 8.39 24.79 16.74
C ILE A 79 7.10 24.90 17.57
N ALA A 80 6.31 25.94 17.35
CA ALA A 80 5.25 26.26 18.26
C ALA A 80 4.20 25.24 18.01
N LYS A 81 4.05 24.82 16.76
CA LYS A 81 3.08 23.76 16.42
C LYS A 81 3.43 22.45 17.07
N LEU A 82 4.71 22.08 17.05
CA LEU A 82 5.15 20.83 17.63
C LEU A 82 4.93 20.87 19.12
N GLU A 83 5.17 22.02 19.74
CA GLU A 83 4.99 22.13 21.20
C GLU A 83 3.52 22.07 21.59
N LEU A 84 2.63 22.79 20.91
CA LEU A 84 1.21 22.56 21.14
C LEU A 84 0.76 21.09 20.90
N HIS A 85 1.22 20.42 19.82
CA HIS A 85 0.77 19.05 19.57
C HIS A 85 1.19 18.14 20.71
N GLN A 86 2.40 18.37 21.21
CA GLN A 86 2.94 17.42 22.16
C GLN A 86 2.38 17.62 23.57
N GLN A 87 1.89 18.82 23.86
CA GLN A 87 1.11 19.03 25.07
C GLN A 87 -0.24 18.32 24.96
N ALA A 88 -0.85 18.38 23.78
CA ALA A 88 -2.17 17.79 23.57
C ALA A 88 -2.18 16.27 23.67
N ALA A 89 -1.00 15.66 23.57
CA ALA A 89 -0.84 14.20 23.59
C ALA A 89 -0.80 13.62 25.02
N GLU A 90 -0.62 14.44 26.03
CA GLU A 90 -0.82 13.98 27.42
C GLU A 90 -2.02 14.69 28.07
N SER A 91 -3.23 14.25 27.72
CA SER A 91 -4.44 14.81 28.34
C SER A 91 -4.93 14.01 29.59
N PRO A 92 -5.72 14.67 30.48
CA PRO A 92 -6.27 13.87 31.59
C PRO A 92 -7.07 12.74 30.99
N GLU A 93 -7.79 13.02 29.92
CA GLU A 93 -8.59 12.00 29.26
C GLU A 93 -7.74 10.79 28.94
N LEU A 94 -6.60 11.00 28.29
CA LEU A 94 -5.77 9.86 27.85
C LEU A 94 -5.37 9.07 29.02
N LYS A 95 -4.89 9.78 30.04
CA LYS A 95 -4.53 9.22 31.35
C LYS A 95 -5.60 8.28 31.94
N ARG A 96 -6.84 8.75 32.06
CA ARG A 96 -7.91 7.93 32.61
C ARG A 96 -8.21 6.65 31.81
N LEU A 97 -8.34 6.75 30.49
CA LEU A 97 -8.57 5.59 29.65
C LEU A 97 -7.39 4.56 29.80
N GLU A 98 -6.17 5.09 29.92
CA GLU A 98 -4.98 4.27 30.18
C GLU A 98 -5.01 3.48 31.49
N GLN A 99 -5.34 4.15 32.61
CA GLN A 99 -5.47 3.49 33.92
C GLN A 99 -6.62 2.48 33.90
N GLU A 100 -7.71 2.92 33.28
CA GLU A 100 -8.88 2.09 33.03
C GLU A 100 -8.62 0.83 32.16
N LEU A 101 -7.77 0.92 31.17
CA LEU A 101 -7.50 -0.26 30.35
C LEU A 101 -6.58 -1.24 31.02
N ALA A 102 -5.67 -0.69 31.84
CA ALA A 102 -4.74 -1.50 32.64
C ALA A 102 -5.48 -2.41 33.62
N ALA A 103 -6.57 -1.89 34.19
CA ALA A 103 -7.39 -2.59 35.16
C ALA A 103 -8.49 -3.42 34.51
N ASN A 104 -8.72 -3.18 33.22
CA ASN A 104 -9.62 -3.96 32.39
C ASN A 104 -8.95 -4.47 31.12
N PRO A 105 -7.84 -5.20 31.28
CA PRO A 105 -7.06 -5.55 30.13
C PRO A 105 -7.79 -6.33 29.04
N ASP A 106 -8.87 -7.03 29.38
CA ASP A 106 -9.51 -7.87 28.35
C ASP A 106 -10.62 -7.14 27.58
N ASN A 107 -11.13 -6.04 28.15
CA ASN A 107 -12.15 -5.19 27.52
C ASN A 107 -11.68 -4.62 26.20
N PHE A 108 -11.97 -5.34 25.12
CA PHE A 108 -11.45 -5.01 23.77
C PHE A 108 -12.02 -3.71 23.26
N GLU A 109 -13.27 -3.43 23.61
CA GLU A 109 -13.95 -2.22 23.18
C GLU A 109 -13.32 -0.90 23.77
N LEU A 110 -12.72 -1.01 24.95
CA LEU A 110 -11.98 0.11 25.56
C LEU A 110 -10.67 0.34 24.84
N ALA A 111 -10.13 -0.74 24.32
CA ALA A 111 -8.85 -0.70 23.64
C ALA A 111 -9.01 0.01 22.32
N CYS A 112 -10.07 -0.33 21.59
CA CYS A 112 -10.45 0.37 20.36
C CYS A 112 -10.59 1.86 20.56
N GLU A 113 -11.27 2.25 21.62
CA GLU A 113 -11.50 3.70 21.98
C GLU A 113 -10.14 4.37 22.42
N LEU A 114 -9.39 3.71 23.31
CA LEU A 114 -8.05 4.24 23.64
C LEU A 114 -7.27 4.53 22.33
N ALA A 115 -7.22 3.52 21.43
CA ALA A 115 -6.49 3.62 20.21
C ALA A 115 -6.93 4.76 19.34
N VAL A 116 -8.25 5.01 19.23
CA VAL A 116 -8.84 6.08 18.44
C VAL A 116 -8.53 7.45 19.04
N GLN A 117 -8.39 7.50 20.37
CA GLN A 117 -7.94 8.71 21.06
C GLN A 117 -6.41 8.87 20.91
N TYR A 118 -5.69 7.75 20.88
CA TYR A 118 -4.26 7.85 20.70
C TYR A 118 -4.05 8.47 19.33
N ASN A 119 -4.78 7.96 18.38
CA ASN A 119 -4.61 8.38 17.01
C ASN A 119 -4.96 9.84 16.84
N GLN A 120 -5.92 10.31 17.64
CA GLN A 120 -6.40 11.65 17.44
C GLN A 120 -5.36 12.67 17.81
N VAL A 121 -4.38 12.29 18.62
CA VAL A 121 -3.29 13.19 19.04
C VAL A 121 -1.90 12.76 18.47
N GLY A 122 -1.89 11.87 17.48
CA GLY A 122 -0.63 11.51 16.82
C GLY A 122 0.16 10.53 17.65
N ARG A 123 -0.47 9.89 18.63
CA ARG A 123 0.17 8.80 19.38
C ARG A 123 -0.08 7.46 18.66
N ASP A 124 0.28 7.39 17.37
CA ASP A 124 -0.15 6.30 16.50
C ASP A 124 0.66 5.08 16.67
N GLU A 125 1.92 5.22 17.04
CA GLU A 125 2.75 4.03 17.35
C GLU A 125 2.10 3.24 18.46
N GLU A 126 1.84 3.89 19.60
CA GLU A 126 1.06 3.29 20.71
C GLU A 126 -0.35 2.80 20.37
N ALA A 127 -1.17 3.60 19.66
CA ALA A 127 -2.45 3.15 19.11
C ALA A 127 -2.30 1.76 18.41
N LEU A 128 -1.41 1.65 17.43
CA LEU A 128 -1.28 0.45 16.63
C LEU A 128 -0.63 -0.65 17.43
N GLU A 129 0.21 -0.29 18.40
CA GLU A 129 0.87 -1.40 19.19
C GLU A 129 -0.19 -1.95 20.14
N LEU A 130 -0.97 -1.05 20.77
CA LEU A 130 -2.10 -1.51 21.57
C LEU A 130 -2.90 -2.61 20.83
N LEU A 131 -3.36 -2.28 19.63
CA LEU A 131 -4.23 -3.16 18.86
C LEU A 131 -3.48 -4.43 18.42
N TRP A 132 -2.21 -4.25 18.06
CA TRP A 132 -1.41 -5.29 17.48
C TRP A 132 -1.36 -6.38 18.52
N ASN A 133 -1.23 -6.00 19.78
CA ASN A 133 -1.10 -6.93 20.90
C ASN A 133 -2.35 -7.82 21.09
N ILE A 134 -3.50 -7.33 20.64
CA ILE A 134 -4.74 -8.11 20.68
C ILE A 134 -4.82 -9.03 19.43
N LEU A 135 -4.49 -8.46 18.27
CA LEU A 135 -4.69 -9.10 16.97
C LEU A 135 -3.84 -10.31 16.74
N LYS A 136 -2.63 -10.30 17.27
CA LYS A 136 -1.75 -11.44 17.12
C LYS A 136 -2.07 -12.59 18.08
N VAL A 137 -3.08 -12.38 18.92
CA VAL A 137 -3.66 -13.45 19.71
C VAL A 137 -4.96 -13.86 19.06
N ASN A 138 -5.73 -12.88 18.56
CA ASN A 138 -7.11 -13.07 18.10
C ASN A 138 -7.43 -12.04 17.01
N LEU A 139 -7.21 -12.39 15.75
CA LEU A 139 -7.63 -11.51 14.60
C LEU A 139 -9.09 -11.11 14.59
N GLY A 140 -9.93 -11.92 15.24
CA GLY A 140 -11.38 -11.66 15.30
C GLY A 140 -11.77 -10.76 16.44
N ALA A 141 -10.78 -10.33 17.23
CA ALA A 141 -11.04 -9.75 18.52
C ALA A 141 -12.21 -8.83 18.40
N GLN A 142 -13.19 -8.96 19.27
CA GLN A 142 -14.27 -7.97 19.34
C GLN A 142 -15.13 -7.92 18.07
N ASP A 143 -15.34 -9.09 17.49
CA ASP A 143 -16.20 -9.21 16.32
C ASP A 143 -15.57 -8.48 15.16
N GLY A 144 -14.25 -8.65 15.06
CA GLY A 144 -13.47 -7.93 14.10
C GLY A 144 -13.43 -6.41 14.18
N GLU A 145 -13.94 -5.82 15.27
CA GLU A 145 -13.85 -4.38 15.52
C GLU A 145 -12.41 -3.90 15.86
N VAL A 146 -11.54 -4.76 16.35
CA VAL A 146 -10.18 -4.41 16.60
C VAL A 146 -9.31 -4.38 15.36
N LYS A 147 -9.38 -5.41 14.50
CA LYS A 147 -8.76 -5.32 13.21
C LYS A 147 -9.21 -4.10 12.39
N LYS A 148 -10.48 -3.73 12.46
CA LYS A 148 -10.97 -2.60 11.70
C LYS A 148 -10.42 -1.25 12.21
N THR A 149 -10.37 -1.10 13.52
CA THR A 149 -9.86 0.16 13.99
C THR A 149 -8.38 0.22 13.77
N PHE A 150 -7.67 -0.90 13.89
CA PHE A 150 -6.29 -0.97 13.37
C PHE A 150 -6.21 -0.52 11.89
N ASP A 152 -8.47 1.28 9.99
CA ASP A 152 -8.80 2.69 9.76
C ASP A 152 -7.60 3.57 10.19
N ILE A 153 -6.91 3.18 11.27
CA ILE A 153 -5.72 3.96 11.71
C ILE A 153 -4.65 3.93 10.59
N LEU A 154 -4.45 2.79 9.97
CA LEU A 154 -3.38 2.65 8.95
C LEU A 154 -3.68 3.50 7.72
N SER A 155 -4.92 3.40 7.25
CA SER A 155 -5.30 4.10 6.06
C SER A 155 -5.34 5.58 6.38
N ALA A 156 -5.87 5.92 7.55
CA ALA A 156 -5.82 7.35 7.96
C ALA A 156 -4.40 7.90 7.81
N LEU A 157 -3.42 7.18 8.37
CA LEU A 157 -2.00 7.53 8.28
C LEU A 157 -1.39 7.79 6.90
N GLY A 158 -1.60 6.89 5.93
CA GLY A 158 -1.05 7.06 4.57
C GLY A 158 0.06 6.07 4.23
N GLN A 159 0.50 6.09 2.97
CA GLN A 159 1.50 5.10 2.43
C GLN A 159 3.00 5.40 2.71
N GLY A 160 3.34 6.69 2.83
CA GLY A 160 4.70 7.12 3.19
C GLY A 160 5.11 6.85 4.63
N ASN A 161 4.11 6.74 5.51
CA ASN A 161 4.28 6.71 6.96
C ASN A 161 4.99 5.46 7.44
N ALA A 162 6.10 5.63 8.15
CA ALA A 162 6.96 4.48 8.45
C ALA A 162 6.36 3.63 9.56
N ILE A 163 5.57 4.24 10.43
CA ILE A 163 4.89 3.49 11.52
C ILE A 163 3.74 2.73 10.85
N ALA A 164 2.91 3.41 10.05
CA ALA A 164 1.88 2.76 9.26
C ALA A 164 2.48 1.59 8.48
N SER A 165 3.58 1.81 7.75
CA SER A 165 4.19 0.73 7.00
C SER A 165 4.71 -0.45 7.85
N LYS A 166 5.16 -0.21 9.08
CA LYS A 166 5.65 -1.35 9.85
C LYS A 166 4.51 -2.24 10.35
N TYR A 167 3.41 -1.64 10.76
CA TYR A 167 2.23 -2.37 11.18
C TYR A 167 1.41 -2.98 10.06
N ARG A 168 1.33 -2.33 8.90
CA ARG A 168 0.80 -3.00 7.72
C ARG A 168 1.49 -4.34 7.48
N ARG A 169 2.83 -4.32 7.48
CA ARG A 169 3.64 -5.53 7.26
C ARG A 169 3.40 -6.52 8.37
N GLN A 170 3.36 -6.03 9.60
CA GLN A 170 3.06 -6.86 10.73
C GLN A 170 1.77 -7.61 10.51
N LEU A 171 0.66 -6.87 10.43
CA LEU A 171 -0.66 -7.43 10.18
C LEU A 171 -0.68 -8.37 8.98
N TYR A 172 -0.07 -7.97 7.88
CA TYR A 172 -0.13 -8.78 6.68
C TYR A 172 0.49 -10.13 6.96
N SER A 173 1.57 -10.17 7.77
CA SER A 173 2.40 -11.43 7.93
C SER A 173 1.67 -12.53 8.68
N ILE A 174 0.60 -12.15 9.38
CA ILE A 174 -0.16 -13.04 10.24
C ILE A 174 -1.60 -13.27 9.71
N LEU A 175 -2.00 -12.57 8.66
CA LEU A 175 -3.25 -12.91 7.92
C LEU A 175 -3.22 -14.39 7.45
N TYR A 176 -4.34 -15.10 7.62
CA TYR A 176 -4.43 -16.59 7.43
CA TYR A 176 -4.34 -16.58 7.47
C TYR A 176 -3.76 -17.10 6.15
N ASP B 6 -14.74 -34.29 -10.95
CA ASP B 6 -14.86 -33.37 -9.77
C ASP B 6 -14.21 -33.98 -8.52
N GLU B 7 -14.47 -35.26 -8.31
CA GLU B 7 -14.10 -36.03 -7.11
C GLU B 7 -12.74 -35.66 -6.49
N GLN B 8 -11.66 -36.04 -7.18
CA GLN B 8 -10.29 -35.85 -6.66
C GLN B 8 -9.48 -34.71 -7.30
N LEU B 9 -9.83 -34.28 -8.51
CA LEU B 9 -9.26 -33.02 -8.98
C LEU B 9 -9.42 -31.94 -7.90
N LEU B 10 -10.49 -32.10 -7.10
CA LEU B 10 -10.72 -31.29 -5.91
C LEU B 10 -9.72 -31.53 -4.79
N LYS B 11 -8.99 -32.64 -4.84
CA LYS B 11 -7.84 -32.93 -3.94
C LYS B 11 -6.48 -32.58 -4.63
N GLN B 12 -6.43 -32.70 -5.97
CA GLN B 12 -5.45 -31.94 -6.78
C GLN B 12 -5.44 -30.46 -6.37
N VAL B 13 -6.60 -29.81 -6.39
CA VAL B 13 -6.64 -28.38 -6.06
C VAL B 13 -5.97 -28.11 -4.72
N SER B 14 -6.37 -28.87 -3.71
CA SER B 14 -5.81 -28.73 -2.37
C SER B 14 -4.33 -29.15 -2.28
N GLU B 15 -3.85 -29.93 -3.25
CA GLU B 15 -2.43 -30.27 -3.31
C GLU B 15 -1.62 -29.12 -3.91
N LEU B 16 -2.23 -28.45 -4.89
CA LEU B 16 -1.57 -27.39 -5.60
C LEU B 16 -1.50 -26.19 -4.66
N LEU B 17 -2.51 -26.03 -3.82
CA LEU B 17 -2.45 -24.94 -2.86
C LEU B 17 -1.37 -25.24 -1.82
N GLN B 18 -1.26 -26.50 -1.39
CA GLN B 18 -0.26 -26.72 -0.38
C GLN B 18 1.08 -26.18 -0.94
N GLN B 19 1.43 -26.63 -2.16
CA GLN B 19 2.73 -26.36 -2.76
C GLN B 19 2.97 -24.92 -3.24
N GLY B 20 1.97 -24.05 -3.02
CA GLY B 20 1.99 -22.67 -3.50
C GLY B 20 1.91 -22.53 -5.03
N GLU B 21 1.51 -23.61 -5.72
CA GLU B 21 1.25 -23.61 -7.16
C GLU B 21 -0.11 -22.98 -7.56
N HIS B 22 -0.25 -21.67 -7.42
CA HIS B 22 -1.59 -21.03 -7.57
C HIS B 22 -2.17 -20.99 -9.00
N ALA B 23 -1.27 -20.93 -9.98
CA ALA B 23 -1.68 -20.96 -11.36
C ALA B 23 -2.14 -22.35 -11.81
N GLN B 24 -1.40 -23.40 -11.44
CA GLN B 24 -1.90 -24.78 -11.65
C GLN B 24 -3.29 -24.97 -10.97
N ALA B 25 -3.43 -24.52 -9.71
CA ALA B 25 -4.70 -24.56 -8.99
C ALA B 25 -5.90 -23.89 -9.65
N LEU B 26 -5.75 -22.69 -10.21
CA LEU B 26 -6.93 -21.99 -10.88
C LEU B 26 -7.38 -22.77 -12.13
N ASN B 27 -6.40 -23.30 -12.86
CA ASN B 27 -6.66 -24.13 -14.02
C ASN B 27 -7.50 -25.37 -13.64
N VAL B 28 -7.06 -26.11 -12.61
CA VAL B 28 -7.84 -27.24 -12.13
C VAL B 28 -9.20 -26.73 -11.65
N ILE B 29 -9.23 -25.62 -10.94
CA ILE B 29 -10.51 -25.05 -10.50
C ILE B 29 -11.37 -24.82 -11.74
N GLN B 30 -10.78 -24.41 -12.86
CA GLN B 30 -11.68 -24.07 -13.96
C GLN B 30 -12.15 -25.30 -14.77
N THR B 31 -11.67 -26.48 -14.38
CA THR B 31 -12.11 -27.70 -15.04
C THR B 31 -13.27 -28.39 -14.30
N LEU B 32 -13.53 -27.92 -13.06
CA LEU B 32 -14.64 -28.40 -12.21
C LEU B 32 -15.98 -28.00 -12.80
N SER B 33 -17.02 -28.76 -12.50
CA SER B 33 -18.35 -28.40 -12.95
C SER B 33 -18.66 -26.98 -12.51
N ASP B 34 -19.57 -26.31 -13.22
CA ASP B 34 -20.03 -24.94 -12.88
C ASP B 34 -20.51 -24.79 -11.43
N GLU B 35 -21.23 -25.80 -10.94
CA GLU B 35 -21.78 -25.77 -9.59
C GLU B 35 -20.74 -26.08 -8.51
N LEU B 36 -19.77 -26.92 -8.80
CA LEU B 36 -18.66 -27.13 -7.86
C LEU B 36 -17.84 -25.84 -7.82
N GLN B 37 -17.66 -25.21 -8.99
CA GLN B 37 -16.99 -23.91 -9.09
C GLN B 37 -17.63 -22.85 -8.23
N SER B 38 -18.96 -22.94 -8.11
CA SER B 38 -19.75 -21.97 -7.38
C SER B 38 -19.86 -22.24 -5.89
N ARG B 39 -19.36 -23.38 -5.43
CA ARG B 39 -19.38 -23.75 -4.01
C ARG B 39 -18.49 -22.86 -3.14
N GLY B 40 -19.03 -22.37 -2.04
CA GLY B 40 -18.42 -21.28 -1.29
C GLY B 40 -16.95 -21.49 -0.95
N ASP B 41 -16.50 -22.69 -0.55
CA ASP B 41 -15.05 -22.95 -0.27
C ASP B 41 -14.17 -22.93 -1.54
N VAL B 42 -14.70 -23.42 -2.65
CA VAL B 42 -13.98 -23.37 -3.91
C VAL B 42 -13.75 -21.91 -4.27
N LYS B 43 -14.79 -21.06 -4.18
CA LYS B 43 -14.64 -19.64 -4.45
C LYS B 43 -13.51 -18.99 -3.64
N LEU B 44 -13.53 -19.20 -2.33
CA LEU B 44 -12.49 -18.75 -1.40
C LEU B 44 -11.13 -19.25 -1.87
N ALA B 45 -11.06 -20.47 -2.39
CA ALA B 45 -9.74 -21.03 -2.79
C ALA B 45 -9.33 -20.31 -4.07
N LYS B 46 -10.30 -20.05 -4.95
CA LYS B 46 -9.99 -19.29 -6.18
C LYS B 46 -9.55 -17.85 -5.78
N ALA B 47 -10.25 -17.22 -4.86
CA ALA B 47 -9.92 -15.84 -4.51
C ALA B 47 -8.51 -15.71 -3.96
N ASP B 48 -8.01 -16.72 -3.25
CA ASP B 48 -6.65 -16.78 -2.67
C ASP B 48 -5.65 -16.96 -3.78
N CYS B 49 -6.01 -17.82 -4.74
CA CYS B 49 -5.25 -17.96 -5.97
C CYS B 49 -5.16 -16.61 -6.71
N LEU B 50 -6.29 -15.96 -6.95
CA LEU B 50 -6.26 -14.67 -7.66
C LEU B 50 -5.31 -13.69 -6.94
N LEU B 51 -5.41 -13.64 -5.63
CA LEU B 51 -4.74 -12.65 -4.88
C LEU B 51 -3.26 -12.94 -4.88
N GLU B 52 -2.86 -14.22 -4.75
CA GLU B 52 -1.43 -14.57 -4.77
C GLU B 52 -0.79 -14.30 -6.13
N THR B 53 -1.65 -14.06 -7.09
CA THR B 53 -1.24 -14.12 -8.47
C THR B 53 -1.38 -12.67 -8.95
N LYS B 54 -1.84 -11.87 -7.99
CA LYS B 54 -1.91 -10.42 -8.03
C LYS B 54 -2.88 -10.04 -9.09
N GLN B 55 -4.00 -10.75 -9.11
CA GLN B 55 -5.13 -10.39 -9.97
C GLN B 55 -6.23 -9.83 -9.05
N PHE B 56 -5.94 -8.67 -8.47
CA PHE B 56 -6.75 -8.09 -7.38
C PHE B 56 -8.16 -7.63 -7.78
N GLU B 57 -8.36 -7.20 -9.02
CA GLU B 57 -9.70 -6.80 -9.47
C GLU B 57 -10.55 -8.05 -9.64
N LEU B 58 -9.91 -9.12 -10.14
CA LEU B 58 -10.54 -10.44 -10.25
C LEU B 58 -10.86 -10.98 -8.86
N ALA B 59 -9.89 -11.01 -7.92
CA ALA B 59 -10.10 -11.48 -6.52
C ALA B 59 -11.23 -10.64 -5.88
N GLN B 60 -11.13 -9.34 -6.04
CA GLN B 60 -12.13 -8.38 -5.50
C GLN B 60 -13.57 -8.75 -5.89
N GLU B 61 -13.69 -9.10 -7.16
CA GLU B 61 -14.95 -9.26 -7.81
C GLU B 61 -15.44 -10.64 -7.34
N LEU B 62 -14.52 -11.59 -7.17
CA LEU B 62 -14.96 -12.91 -6.63
C LEU B 62 -15.44 -12.79 -5.17
N LEU B 63 -14.60 -12.21 -4.33
CA LEU B 63 -14.88 -12.04 -2.89
C LEU B 63 -16.23 -11.37 -2.63
N ALA B 64 -16.63 -10.44 -3.48
CA ALA B 64 -17.90 -9.81 -3.31
C ALA B 64 -19.09 -10.80 -3.47
N THR B 65 -18.83 -12.00 -3.98
CA THR B 65 -19.92 -12.98 -4.21
C THR B 65 -19.97 -14.13 -3.14
N ILE B 66 -19.21 -14.01 -2.07
CA ILE B 66 -19.13 -15.04 -1.02
C ILE B 66 -20.29 -14.85 -0.06
N PRO B 67 -21.16 -15.89 0.12
CA PRO B 67 -22.34 -15.70 1.04
C PRO B 67 -21.92 -15.64 2.49
N LEU B 68 -22.80 -15.12 3.33
CA LEU B 68 -22.36 -14.82 4.68
C LEU B 68 -21.89 -16.03 5.47
N GLU B 69 -22.45 -17.19 5.17
CA GLU B 69 -22.12 -18.34 5.99
C GLU B 69 -20.82 -18.97 5.59
N TYR B 70 -20.20 -18.37 4.59
CA TYR B 70 -18.86 -18.78 4.15
C TYR B 70 -17.87 -17.75 4.51
N GLN B 71 -18.32 -16.69 5.17
CA GLN B 71 -17.47 -15.60 5.53
C GLN B 71 -16.73 -15.89 6.83
N ASP B 72 -15.75 -16.78 6.76
CA ASP B 72 -15.08 -17.22 7.96
C ASP B 72 -13.76 -16.47 8.10
N ASN B 73 -12.91 -16.97 8.99
CA ASN B 73 -11.64 -16.35 9.31
C ASN B 73 -10.81 -16.22 8.04
N SER B 74 -10.91 -17.19 7.11
CA SER B 74 -10.15 -17.04 5.90
C SER B 74 -10.79 -16.00 4.88
N TYR B 75 -12.10 -15.92 4.74
CA TYR B 75 -12.66 -14.79 3.98
C TYR B 75 -12.12 -13.45 4.52
N LYS B 76 -12.32 -13.20 5.82
CA LYS B 76 -11.83 -11.96 6.51
C LYS B 76 -10.36 -11.69 6.23
N SER B 77 -9.50 -12.71 6.28
CA SER B 77 -8.10 -12.52 5.94
C SER B 77 -7.86 -12.13 4.45
N LEU B 78 -8.56 -12.78 3.53
CA LEU B 78 -8.50 -12.42 2.09
C LEU B 78 -8.95 -10.94 1.86
N ILE B 79 -9.90 -10.49 2.64
CA ILE B 79 -10.52 -9.14 2.41
C ILE B 79 -9.52 -8.06 2.98
N ALA B 80 -8.89 -8.37 4.11
CA ALA B 80 -7.82 -7.54 4.66
C ALA B 80 -6.61 -7.56 3.72
N LYS B 81 -6.23 -8.72 3.20
CA LYS B 81 -5.13 -8.70 2.24
C LYS B 81 -5.45 -7.88 0.96
N LEU B 82 -6.66 -8.01 0.46
CA LEU B 82 -7.01 -7.31 -0.78
C LEU B 82 -6.94 -5.78 -0.61
N GLU B 83 -7.55 -5.27 0.46
CA GLU B 83 -7.46 -3.86 0.90
C GLU B 83 -6.00 -3.32 0.97
N LEU B 84 -5.08 -4.12 1.56
CA LEU B 84 -3.70 -3.69 1.73
C LEU B 84 -3.01 -3.52 0.41
N HIS B 85 -3.12 -4.49 -0.48
CA HIS B 85 -2.55 -4.41 -1.82
C HIS B 85 -3.13 -3.26 -2.63
N GLN B 86 -4.44 -3.16 -2.65
CA GLN B 86 -5.11 -2.07 -3.38
C GLN B 86 -4.59 -0.72 -2.88
N GLN B 87 -4.42 -0.55 -1.57
CA GLN B 87 -3.87 0.74 -1.14
C GLN B 87 -2.43 0.90 -1.60
N ALA B 88 -1.66 -0.18 -1.50
CA ALA B 88 -0.26 -0.16 -1.99
C ALA B 88 -0.13 0.22 -3.48
N ALA B 89 -1.23 0.10 -4.23
CA ALA B 89 -1.20 0.28 -5.72
C ALA B 89 -1.41 1.71 -6.15
N GLU B 90 -1.61 2.58 -5.16
CA GLU B 90 -1.79 4.00 -5.35
C GLU B 90 -0.81 4.68 -4.43
N SER B 91 0.47 4.44 -4.64
CA SER B 91 1.48 4.96 -3.72
C SER B 91 1.91 6.34 -4.25
N PRO B 92 2.56 7.18 -3.39
CA PRO B 92 3.13 8.44 -3.88
C PRO B 92 4.21 8.23 -4.95
N GLU B 93 5.07 7.24 -4.77
CA GLU B 93 6.10 6.95 -5.73
C GLU B 93 5.52 6.74 -7.09
N LEU B 94 4.50 5.89 -7.20
CA LEU B 94 3.91 5.59 -8.51
C LEU B 94 3.26 6.83 -9.13
N LYS B 95 2.69 7.67 -8.26
CA LYS B 95 2.17 8.99 -8.66
C LYS B 95 3.25 9.95 -9.22
N ARG B 96 4.38 10.09 -8.49
CA ARG B 96 5.48 10.91 -9.02
C ARG B 96 5.89 10.42 -10.38
N LEU B 97 6.14 9.10 -10.51
CA LEU B 97 6.60 8.54 -11.77
C LEU B 97 5.57 8.83 -12.88
N GLU B 98 4.30 8.65 -12.56
CA GLU B 98 3.21 8.96 -13.50
C GLU B 98 3.19 10.38 -14.03
N GLN B 99 3.35 11.37 -13.16
CA GLN B 99 3.34 12.76 -13.59
C GLN B 99 4.62 13.14 -14.31
N GLU B 100 5.74 12.53 -13.87
CA GLU B 100 7.02 12.63 -14.57
C GLU B 100 6.89 12.25 -16.04
N LEU B 101 6.42 11.05 -16.28
CA LEU B 101 6.34 10.55 -17.64
C LEU B 101 5.34 11.36 -18.45
N ALA B 102 4.46 12.07 -17.77
CA ALA B 102 3.44 12.84 -18.45
C ALA B 102 4.04 14.15 -19.00
N ALA B 103 4.93 14.77 -18.21
CA ALA B 103 5.74 15.92 -18.62
C ALA B 103 6.83 15.56 -19.66
N ASN B 104 7.12 14.26 -19.78
CA ASN B 104 8.23 13.69 -20.57
C ASN B 104 7.82 12.41 -21.33
N PRO B 105 6.86 12.52 -22.25
CA PRO B 105 6.25 11.38 -22.89
C PRO B 105 7.18 10.47 -23.68
N ASP B 106 8.27 10.98 -24.25
CA ASP B 106 9.04 10.14 -25.17
C ASP B 106 10.29 9.61 -24.47
N ASN B 107 10.35 9.78 -23.15
CA ASN B 107 11.42 9.19 -22.34
C ASN B 107 11.08 7.74 -22.16
N PHE B 108 11.75 6.91 -22.93
CA PHE B 108 11.37 5.52 -22.94
C PHE B 108 11.90 4.83 -21.71
N GLU B 109 13.03 5.30 -21.20
CA GLU B 109 13.60 4.70 -20.02
C GLU B 109 12.63 4.85 -18.81
N LEU B 110 12.01 6.03 -18.65
CA LEU B 110 10.97 6.25 -17.60
C LEU B 110 9.70 5.41 -17.77
N ALA B 111 9.37 5.11 -19.01
CA ALA B 111 8.24 4.22 -19.31
C ALA B 111 8.53 2.78 -18.84
N CYS B 112 9.69 2.24 -19.20
CA CYS B 112 10.16 0.95 -18.65
C CYS B 112 10.09 0.84 -17.14
N GLU B 113 10.61 1.85 -16.45
CA GLU B 113 10.64 1.87 -14.96
C GLU B 113 9.22 1.95 -14.41
N LEU B 114 8.35 2.73 -15.03
CA LEU B 114 7.01 2.86 -14.51
C LEU B 114 6.30 1.50 -14.66
N ALA B 115 6.48 0.90 -15.84
CA ALA B 115 5.93 -0.40 -16.08
C ALA B 115 6.43 -1.44 -15.08
N VAL B 116 7.73 -1.42 -14.67
CA VAL B 116 8.25 -2.38 -13.72
C VAL B 116 7.65 -2.11 -12.35
N GLN B 117 7.45 -0.85 -12.04
CA GLN B 117 6.77 -0.46 -10.80
C GLN B 117 5.27 -0.71 -10.81
N TYR B 118 4.58 -0.50 -11.93
CA TYR B 118 3.20 -0.97 -12.04
C TYR B 118 3.06 -2.47 -11.74
N ASN B 119 3.94 -3.30 -12.35
CA ASN B 119 3.89 -4.74 -12.23
C ASN B 119 4.06 -5.22 -10.76
N GLN B 120 4.78 -4.43 -9.98
CA GLN B 120 5.10 -4.86 -8.64
C GLN B 120 3.91 -4.79 -7.75
N VAL B 121 2.97 -3.89 -8.11
CA VAL B 121 1.76 -3.71 -7.28
C VAL B 121 0.54 -4.29 -8.01
N GLY B 122 0.78 -5.08 -9.06
CA GLY B 122 -0.30 -5.75 -9.73
C GLY B 122 -1.01 -4.90 -10.75
N ARG B 123 -0.47 -3.75 -11.14
CA ARG B 123 -1.16 -2.89 -12.14
C ARG B 123 -0.67 -3.25 -13.58
N ASP B 124 -0.68 -4.54 -13.89
CA ASP B 124 0.08 -5.12 -15.03
C ASP B 124 -0.61 -4.74 -16.30
N GLU B 125 -1.92 -4.55 -16.26
CA GLU B 125 -2.65 -4.10 -17.44
C GLU B 125 -2.23 -2.73 -17.90
N GLU B 126 -2.20 -1.77 -16.97
CA GLU B 126 -1.57 -0.46 -17.24
C GLU B 126 -0.09 -0.52 -17.66
N ALA B 127 0.70 -1.32 -16.95
CA ALA B 127 2.06 -1.53 -17.36
C ALA B 127 2.16 -1.86 -18.87
N LEU B 128 1.29 -2.77 -19.34
CA LEU B 128 1.46 -3.39 -20.67
C LEU B 128 0.73 -2.47 -21.63
N GLU B 129 -0.39 -1.87 -21.25
CA GLU B 129 -0.95 -0.88 -22.19
C GLU B 129 0.16 0.16 -22.46
N LEU B 130 0.84 0.64 -21.40
CA LEU B 130 1.79 1.74 -21.54
C LEU B 130 2.93 1.42 -22.53
N LEU B 131 3.46 0.22 -22.40
CA LEU B 131 4.56 -0.29 -23.23
C LEU B 131 4.04 -0.64 -24.63
N TRP B 132 2.84 -1.19 -24.68
CA TRP B 132 2.16 -1.48 -25.96
C TRP B 132 2.08 -0.20 -26.81
N ASN B 133 1.65 0.90 -26.25
CA ASN B 133 1.51 2.15 -27.05
C ASN B 133 2.90 2.50 -27.58
N ILE B 134 3.96 2.03 -26.93
CA ILE B 134 5.28 2.34 -27.53
C ILE B 134 5.62 1.33 -28.64
N LEU B 135 5.42 0.05 -28.36
CA LEU B 135 5.83 -1.01 -29.23
C LEU B 135 5.12 -0.92 -30.58
N LYS B 136 3.85 -0.54 -30.59
CA LYS B 136 3.08 -0.40 -31.89
C LYS B 136 3.52 0.76 -32.79
N VAL B 137 4.31 1.65 -32.22
CA VAL B 137 4.98 2.67 -32.98
C VAL B 137 6.39 2.17 -33.36
N ASN B 138 7.10 1.52 -32.43
CA ASN B 138 8.51 1.17 -32.60
C ASN B 138 8.89 -0.06 -31.75
N LEU B 139 8.93 -1.24 -32.37
CA LEU B 139 9.39 -2.46 -31.66
C LEU B 139 10.77 -2.30 -31.09
N GLY B 140 11.58 -1.49 -31.74
CA GLY B 140 12.98 -1.31 -31.31
C GLY B 140 13.14 -0.26 -30.23
N ALA B 141 12.05 0.30 -29.73
CA ALA B 141 12.16 1.44 -28.83
C ALA B 141 13.19 1.19 -27.74
N GLN B 142 14.05 2.17 -27.51
CA GLN B 142 15.04 2.10 -26.44
C GLN B 142 16.00 0.90 -26.63
N ASP B 143 16.46 0.70 -27.86
CA ASP B 143 17.42 -0.36 -28.13
C ASP B 143 16.94 -1.76 -27.65
N GLY B 144 15.72 -2.11 -27.99
CA GLY B 144 15.14 -3.33 -27.43
C GLY B 144 14.70 -3.33 -25.95
N GLU B 145 14.84 -2.22 -25.21
CA GLU B 145 14.48 -2.20 -23.76
C GLU B 145 12.96 -2.21 -23.53
N VAL B 146 12.21 -1.58 -24.41
CA VAL B 146 10.80 -1.56 -24.17
C VAL B 146 10.16 -2.92 -24.45
N LYS B 147 10.46 -3.55 -25.57
CA LYS B 147 10.03 -4.94 -25.81
C LYS B 147 10.52 -5.94 -24.75
N LYS B 148 11.74 -5.77 -24.23
CA LYS B 148 12.28 -6.74 -23.26
C LYS B 148 11.47 -6.64 -21.97
N THR B 149 11.19 -5.42 -21.54
CA THR B 149 10.46 -5.28 -20.25
C THR B 149 9.02 -5.76 -20.36
N PHE B 150 8.35 -5.41 -21.45
CA PHE B 150 7.04 -6.01 -21.83
C PHE B 150 7.11 -7.55 -21.84
N ASP B 152 9.42 -9.50 -20.23
CA ASP B 152 9.55 -9.81 -18.82
C ASP B 152 8.23 -9.66 -18.04
N ILE B 153 7.40 -8.62 -18.29
CA ILE B 153 6.10 -8.58 -17.57
C ILE B 153 5.27 -9.82 -17.87
N LEU B 154 5.17 -10.17 -19.17
CA LEU B 154 4.32 -11.26 -19.66
C LEU B 154 4.71 -12.62 -19.10
N SER B 155 6.02 -12.90 -19.13
CA SER B 155 6.50 -14.17 -18.56
C SER B 155 6.22 -14.22 -17.07
N ALA B 156 6.29 -13.05 -16.41
CA ALA B 156 6.01 -12.95 -14.97
C ALA B 156 4.56 -13.38 -14.70
N LEU B 157 3.65 -13.04 -15.60
CA LEU B 157 2.22 -13.34 -15.43
C LEU B 157 1.80 -14.81 -15.73
N GLY B 158 2.49 -15.50 -16.63
CA GLY B 158 2.19 -16.92 -16.83
C GLY B 158 1.14 -17.13 -17.91
N GLN B 159 1.03 -18.40 -18.31
CA GLN B 159 0.16 -18.82 -19.41
C GLN B 159 -1.33 -18.76 -19.07
N GLY B 160 -1.64 -18.82 -17.77
CA GLY B 160 -3.01 -18.78 -17.27
C GLY B 160 -3.72 -17.45 -17.38
N ASN B 161 -2.98 -16.35 -17.13
CA ASN B 161 -3.45 -14.94 -17.08
C ASN B 161 -4.06 -14.36 -18.37
N ALA B 162 -5.28 -13.84 -18.27
CA ALA B 162 -6.04 -13.38 -19.45
C ALA B 162 -5.54 -12.06 -20.03
N ILE B 163 -5.12 -11.13 -19.17
CA ILE B 163 -4.36 -9.92 -19.57
C ILE B 163 -3.05 -10.23 -20.34
N ALA B 164 -2.14 -10.96 -19.71
CA ALA B 164 -0.93 -11.46 -20.39
C ALA B 164 -1.30 -12.08 -21.76
N SER B 165 -2.32 -12.92 -21.80
CA SER B 165 -2.72 -13.54 -23.05
C SER B 165 -3.17 -12.49 -24.09
N LYS B 166 -3.89 -11.45 -23.65
CA LYS B 166 -4.29 -10.38 -24.57
C LYS B 166 -3.02 -9.73 -25.14
N TYR B 167 -2.07 -9.41 -24.26
CA TYR B 167 -0.84 -8.72 -24.72
C TYR B 167 0.15 -9.53 -25.53
N ARG B 168 0.34 -10.81 -25.20
CA ARG B 168 1.13 -11.72 -26.00
C ARG B 168 0.59 -11.82 -27.41
N ARG B 169 -0.71 -12.01 -27.53
CA ARG B 169 -1.38 -12.05 -28.82
C ARG B 169 -1.18 -10.74 -29.52
N GLN B 170 -1.31 -9.62 -28.82
CA GLN B 170 -1.07 -8.28 -29.43
C GLN B 170 0.35 -8.12 -29.99
N LEU B 171 1.36 -8.45 -29.20
CA LEU B 171 2.72 -8.30 -29.65
C LEU B 171 2.92 -9.25 -30.81
N TYR B 172 2.40 -10.46 -30.67
CA TYR B 172 2.74 -11.44 -31.69
C TYR B 172 2.26 -10.93 -33.04
N SER B 173 1.08 -10.28 -33.07
CA SER B 173 0.44 -9.93 -34.37
C SER B 173 1.23 -8.90 -35.18
N ILE B 174 2.14 -8.16 -34.52
CA ILE B 174 2.85 -7.01 -35.15
C ILE B 174 4.35 -7.30 -35.24
N LEU B 175 4.75 -8.45 -34.77
CA LEU B 175 6.11 -8.93 -35.07
C LEU B 175 6.28 -9.12 -36.56
N TYR B 176 7.51 -8.89 -37.04
CA TYR B 176 7.86 -8.88 -38.47
C TYR B 176 7.89 -10.32 -39.04
#